data_2AP1
#
_entry.id   2AP1
#
_cell.length_a   81.581
_cell.length_b   105.744
_cell.length_c   88.262
_cell.angle_alpha   90.00
_cell.angle_beta   90.00
_cell.angle_gamma   90.00
#
_symmetry.space_group_name_H-M   'C 2 2 21'
#
loop_
_entity.id
_entity.type
_entity.pdbx_description
1 polymer 'putative regulator protein'
2 non-polymer 'ZINC ION'
3 non-polymer 'SODIUM ION'
4 water water
#
_entity_poly.entity_id   1
_entity_poly.type   'polypeptide(L)'
_entity_poly.pdbx_seq_one_letter_code
;MHHHHHHSSGVDLGTENLYFQSNAMYYGFDIGGTKIALGVFDSTRRLQWEKRVPTPHTSYSAFLDAVCELVEEADQRFGV
KGSVGIGIPGMPETEDGTLYAANVPAASGKPLRADLSARLDRDVRLDNDANCFALSEAWDDEFTQYPLVMGLILGTGVGG
GLVLNGKPITGQSYITGEFGHMRLPVDALTLMGFDFPLRRCGCGQMGCIENYLSGRGFAWLYQHYYDQSLQAPEIIALWE
QGDEQAHAHVERYLDLLAVCLGNILTIVDPDLLVIGGGLSNFTAITTQLAERLPRHLLPVARAPRIERARHGDAGGMRGA
AFLHLTD
;
_entity_poly.pdbx_strand_id   A
#
# COMPACT_ATOMS: atom_id res chain seq x y z
N ASN A 23 13.67 -0.40 26.91
CA ASN A 23 14.42 -1.36 26.06
C ASN A 23 13.46 -2.11 25.13
N ALA A 24 12.22 -1.59 25.03
CA ALA A 24 11.17 -2.15 24.15
C ALA A 24 11.64 -2.22 22.69
N MET A 25 11.34 -3.35 22.05
CA MET A 25 11.70 -3.57 20.66
C MET A 25 10.41 -3.93 19.92
N TYR A 26 10.32 -3.49 18.67
CA TYR A 26 9.13 -3.72 17.85
C TYR A 26 9.52 -4.59 16.68
N TYR A 27 8.93 -5.78 16.61
CA TYR A 27 9.22 -6.67 15.49
C TYR A 27 8.13 -6.51 14.43
N GLY A 28 8.54 -6.50 13.17
CA GLY A 28 7.60 -6.38 12.05
C GLY A 28 7.93 -7.39 11.00
N PHE A 29 6.95 -8.23 10.68
CA PHE A 29 7.10 -9.23 9.64
C PHE A 29 6.34 -8.81 8.39
N ASP A 30 6.99 -8.90 7.26
CA ASP A 30 6.36 -8.66 5.95
C ASP A 30 6.31 -10.06 5.35
N ILE A 31 5.11 -10.64 5.32
CA ILE A 31 4.94 -11.98 4.81
C ILE A 31 4.47 -11.92 3.35
N GLY A 32 5.27 -12.48 2.46
CA GLY A 32 4.95 -12.54 1.04
C GLY A 32 4.89 -13.99 0.57
N GLY A 33 4.67 -14.16 -0.72
CA GLY A 33 4.58 -15.49 -1.30
C GLY A 33 5.92 -16.18 -1.32
N THR A 34 6.99 -15.41 -1.44
CA THR A 34 8.34 -15.96 -1.55
C THR A 34 9.11 -16.02 -0.23
N LYS A 35 9.13 -14.89 0.49
CA LYS A 35 9.88 -14.73 1.74
C LYS A 35 9.08 -14.16 2.91
N ILE A 36 9.54 -14.51 4.12
CA ILE A 36 9.07 -13.93 5.35
C ILE A 36 10.24 -13.00 5.78
N ALA A 37 9.99 -11.70 5.85
CA ALA A 37 11.04 -10.74 6.20
C ALA A 37 10.78 -10.14 7.55
N LEU A 38 11.74 -10.26 8.46
CA LEU A 38 11.62 -9.70 9.80
C LEU A 38 12.48 -8.45 9.88
N GLY A 39 11.91 -7.39 10.43
CA GLY A 39 12.68 -6.21 10.73
C GLY A 39 12.47 -5.95 12.21
N VAL A 40 13.54 -5.60 12.93
CA VAL A 40 13.41 -5.32 14.36
C VAL A 40 13.76 -3.83 14.57
N PHE A 41 12.87 -3.10 15.23
CA PHE A 41 12.98 -1.65 15.44
C PHE A 41 13.01 -1.32 16.90
N ASP A 42 13.85 -0.33 17.25
CA ASP A 42 13.89 0.12 18.65
C ASP A 42 12.76 1.09 18.93
N SER A 43 12.68 1.60 20.16
CA SER A 43 11.60 2.52 20.53
C SER A 43 11.58 3.85 19.77
N THR A 44 12.67 4.14 19.05
CA THR A 44 12.73 5.38 18.26
C THR A 44 12.42 5.09 16.78
N ARG A 45 12.03 3.83 16.49
CA ARG A 45 11.65 3.44 15.14
C ARG A 45 12.79 3.23 14.17
N ARG A 46 14.01 3.10 14.70
CA ARG A 46 15.18 2.82 13.86
C ARG A 46 15.38 1.33 13.73
N LEU A 47 15.62 0.89 12.51
CA LEU A 47 15.81 -0.51 12.23
C LEU A 47 17.15 -0.97 12.83
N GLN A 48 17.11 -2.04 13.60
CA GLN A 48 18.28 -2.56 14.27
C GLN A 48 18.78 -3.89 13.72
N TRP A 49 17.87 -4.69 13.14
CA TRP A 49 18.25 -6.00 12.61
C TRP A 49 17.24 -6.44 11.60
N GLU A 50 17.70 -7.19 10.61
CA GLU A 50 16.84 -7.76 9.56
C GLU A 50 17.22 -9.20 9.28
N LYS A 51 16.22 -10.05 9.03
CA LYS A 51 16.46 -11.43 8.61
C LYS A 51 15.29 -11.88 7.76
N ARG A 52 15.57 -12.58 6.67
CA ARG A 52 14.54 -13.14 5.77
C ARG A 52 14.75 -14.63 5.60
N VAL A 53 13.64 -15.36 5.54
CA VAL A 53 13.67 -16.80 5.29
C VAL A 53 12.61 -17.09 4.22
N PRO A 54 12.69 -18.25 3.53
CA PRO A 54 11.64 -18.60 2.56
C PRO A 54 10.28 -18.80 3.24
N THR A 55 9.19 -18.43 2.57
CA THR A 55 7.84 -18.67 3.10
C THR A 55 7.46 -20.15 2.93
N PRO A 56 7.24 -20.88 4.04
CA PRO A 56 6.85 -22.27 3.84
C PRO A 56 5.48 -22.37 3.24
N HIS A 57 5.33 -23.22 2.22
CA HIS A 57 4.03 -23.46 1.60
C HIS A 57 3.51 -24.88 1.91
N THR A 58 4.40 -25.75 2.39
CA THR A 58 4.12 -27.18 2.72
C THR A 58 3.08 -27.52 3.80
N SER A 59 3.06 -26.77 4.90
CA SER A 59 2.13 -27.06 5.99
C SER A 59 2.04 -25.86 6.89
N TYR A 60 0.96 -25.78 7.64
CA TYR A 60 0.76 -24.69 8.57
C TYR A 60 1.78 -24.78 9.70
N SER A 61 2.05 -26.01 10.17
CA SER A 61 3.05 -26.18 11.27
C SER A 61 4.43 -25.61 10.85
N ALA A 62 4.86 -25.84 9.61
CA ALA A 62 6.14 -25.31 9.12
C ALA A 62 6.12 -23.77 9.05
N PHE A 63 4.97 -23.24 8.62
CA PHE A 63 4.76 -21.79 8.54
C PHE A 63 4.87 -21.16 9.95
N LEU A 64 4.12 -21.71 10.91
CA LEU A 64 4.16 -21.22 12.28
C LEU A 64 5.58 -21.26 12.81
N ASP A 65 6.29 -22.36 12.56
CA ASP A 65 7.68 -22.45 13.04
C ASP A 65 8.56 -21.40 12.39
N ALA A 66 8.40 -21.13 11.08
CA ALA A 66 9.27 -20.15 10.43
C ALA A 66 9.18 -18.81 11.13
N VAL A 67 7.97 -18.41 11.44
CA VAL A 67 7.74 -17.13 12.09
C VAL A 67 8.19 -17.15 13.55
N CYS A 68 7.82 -18.20 14.28
CA CYS A 68 8.14 -18.23 15.72
C CYS A 68 9.64 -18.30 15.97
N GLU A 69 10.35 -19.01 15.11
CA GLU A 69 11.81 -19.17 15.29
C GLU A 69 12.50 -17.82 15.12
N LEU A 70 11.97 -16.99 14.18
CA LEU A 70 12.50 -15.65 14.00
C LEU A 70 12.25 -14.78 15.19
N VAL A 71 11.05 -14.83 15.76
CA VAL A 71 10.72 -14.04 16.96
C VAL A 71 11.68 -14.51 18.09
N GLU A 72 11.83 -15.83 18.23
CA GLU A 72 12.72 -16.35 19.32
C GLU A 72 14.16 -15.89 19.14
N GLU A 73 14.66 -15.97 17.91
CA GLU A 73 16.02 -15.53 17.61
C GLU A 73 16.19 -14.07 17.99
N ALA A 74 15.23 -13.22 17.58
CA ALA A 74 15.32 -11.80 17.93
C ALA A 74 15.28 -11.55 19.45
N ASP A 75 14.36 -12.24 20.13
CA ASP A 75 14.23 -12.15 21.57
C ASP A 75 15.57 -12.46 22.26
N GLN A 76 16.23 -13.51 21.81
CA GLN A 76 17.55 -13.93 22.33
C GLN A 76 18.63 -12.91 22.01
N ARG A 77 18.66 -12.43 20.77
CA ARG A 77 19.62 -11.43 20.31
C ARG A 77 19.55 -10.09 21.08
N PHE A 78 18.34 -9.66 21.45
CA PHE A 78 18.14 -8.37 22.10
C PHE A 78 17.80 -8.46 23.56
N GLY A 79 17.67 -9.69 24.06
CA GLY A 79 17.33 -9.94 25.46
C GLY A 79 16.03 -9.32 25.90
N VAL A 80 15.02 -9.35 25.04
CA VAL A 80 13.72 -8.76 25.36
C VAL A 80 12.60 -9.61 24.75
N LYS A 81 11.35 -9.42 25.17
CA LYS A 81 10.20 -10.03 24.48
C LYS A 81 9.68 -8.90 23.56
N GLY A 82 10.02 -8.96 22.28
CA GLY A 82 9.59 -7.92 21.33
C GLY A 82 8.11 -7.98 21.08
N SER A 83 7.47 -6.84 20.75
CA SER A 83 6.08 -6.93 20.34
C SER A 83 6.11 -7.46 18.89
N VAL A 84 5.02 -8.06 18.44
CA VAL A 84 5.03 -8.69 17.08
C VAL A 84 3.85 -8.21 16.25
N GLY A 85 4.18 -7.65 15.11
CA GLY A 85 3.18 -7.22 14.12
C GLY A 85 3.51 -7.88 12.80
N ILE A 86 2.49 -8.18 12.02
CA ILE A 86 2.67 -8.93 10.78
C ILE A 86 1.78 -8.35 9.69
N GLY A 87 2.36 -8.14 8.51
CA GLY A 87 1.63 -7.66 7.32
C GLY A 87 1.39 -8.87 6.43
N ILE A 88 0.15 -9.03 5.99
CA ILE A 88 -0.40 -10.15 5.18
C ILE A 88 -0.98 -9.63 3.83
N PRO A 89 -0.62 -10.24 2.67
CA PRO A 89 -1.27 -9.79 1.45
C PRO A 89 -2.64 -10.44 1.28
N GLY A 90 -3.63 -10.00 2.07
CA GLY A 90 -4.96 -10.57 1.96
C GLY A 90 -5.81 -10.14 3.12
N MET A 91 -6.63 -11.06 3.60
CA MET A 91 -7.52 -10.84 4.74
C MET A 91 -6.86 -11.35 6.02
N PRO A 92 -6.38 -10.43 6.90
CA PRO A 92 -5.65 -10.85 8.09
C PRO A 92 -6.42 -11.64 9.11
N GLU A 93 -7.66 -11.23 9.37
CA GLU A 93 -8.46 -11.83 10.41
C GLU A 93 -9.93 -11.59 10.12
N THR A 94 -10.65 -12.63 9.69
CA THR A 94 -12.10 -12.52 9.44
C THR A 94 -12.80 -12.43 10.80
N GLU A 95 -14.12 -12.35 10.73
CA GLU A 95 -14.98 -12.27 11.92
C GLU A 95 -14.70 -13.44 12.89
N ASP A 96 -14.58 -14.65 12.36
CA ASP A 96 -14.28 -15.78 13.23
C ASP A 96 -12.79 -15.91 13.61
N GLY A 97 -11.94 -15.03 13.05
CA GLY A 97 -10.52 -15.05 13.41
C GLY A 97 -9.63 -15.66 12.37
N THR A 98 -10.23 -16.08 11.26
CA THR A 98 -9.53 -16.76 10.17
C THR A 98 -8.79 -15.84 9.18
N LEU A 99 -7.62 -16.29 8.74
CA LEU A 99 -6.84 -15.57 7.76
C LEU A 99 -7.14 -16.12 6.39
N TYR A 100 -7.10 -15.25 5.38
CA TYR A 100 -7.18 -15.69 3.97
C TYR A 100 -6.22 -14.90 3.11
N ALA A 101 -5.32 -15.60 2.41
CA ALA A 101 -4.36 -14.96 1.52
C ALA A 101 -3.99 -15.92 0.41
N ALA A 102 -4.26 -15.52 -0.83
CA ALA A 102 -4.00 -16.35 -2.01
C ALA A 102 -2.57 -16.89 -2.06
N ASN A 103 -1.59 -16.00 -1.88
CA ASN A 103 -0.18 -16.37 -1.92
C ASN A 103 0.42 -16.97 -0.65
N VAL A 104 -0.40 -17.16 0.37
CA VAL A 104 0.08 -17.77 1.64
C VAL A 104 -0.83 -18.95 1.96
N PRO A 105 -0.80 -19.99 1.08
CA PRO A 105 -1.68 -21.13 1.23
C PRO A 105 -1.50 -21.87 2.57
N ALA A 106 -0.26 -21.97 3.05
CA ALA A 106 0.01 -22.68 4.31
C ALA A 106 -0.77 -22.12 5.50
N ALA A 107 -1.00 -20.81 5.51
CA ALA A 107 -1.74 -20.18 6.63
C ALA A 107 -3.22 -19.90 6.33
N SER A 108 -3.61 -19.89 5.06
CA SER A 108 -5.00 -19.52 4.70
C SER A 108 -6.00 -20.50 5.29
N GLY A 109 -7.08 -20.00 5.86
CA GLY A 109 -8.08 -20.86 6.48
C GLY A 109 -7.84 -21.13 7.94
N LYS A 110 -6.76 -20.57 8.48
CA LYS A 110 -6.33 -20.80 9.87
C LYS A 110 -6.44 -19.59 10.77
N PRO A 111 -6.64 -19.81 12.09
CA PRO A 111 -6.68 -18.71 13.01
C PRO A 111 -5.24 -18.26 13.34
N LEU A 112 -4.55 -17.72 12.33
CA LEU A 112 -3.13 -17.32 12.49
C LEU A 112 -2.87 -16.43 13.70
N ARG A 113 -3.64 -15.37 13.84
CA ARG A 113 -3.42 -14.48 14.95
C ARG A 113 -3.48 -15.18 16.32
N ALA A 114 -4.53 -15.97 16.53
CA ALA A 114 -4.70 -16.67 17.81
C ALA A 114 -3.57 -17.68 18.02
N ASP A 115 -3.23 -18.45 16.99
CA ASP A 115 -2.21 -19.49 17.12
C ASP A 115 -0.85 -18.93 17.37
N LEU A 116 -0.50 -17.85 16.68
CA LEU A 116 0.80 -17.22 16.94
C LEU A 116 0.81 -16.58 18.31
N SER A 117 -0.32 -16.00 18.72
CA SER A 117 -0.37 -15.31 20.01
C SER A 117 -0.16 -16.34 21.15
N ALA A 118 -0.72 -17.54 20.97
CA ALA A 118 -0.59 -18.61 21.98
C ALA A 118 0.85 -19.13 21.98
N ARG A 119 1.43 -19.32 20.78
N ARG A 119 1.42 -19.32 20.79
CA ARG A 119 2.81 -19.82 20.64
CA ARG A 119 2.79 -19.83 20.73
C ARG A 119 3.89 -18.89 21.21
C ARG A 119 3.81 -18.88 21.36
N LEU A 120 3.66 -17.58 21.09
CA LEU A 120 4.60 -16.57 21.53
C LEU A 120 4.26 -15.88 22.86
N ASP A 121 3.13 -16.30 23.46
CA ASP A 121 2.63 -15.74 24.70
CA ASP A 121 2.63 -15.74 24.71
C ASP A 121 2.61 -14.19 24.69
N ARG A 122 2.06 -13.62 23.61
CA ARG A 122 1.99 -12.16 23.49
C ARG A 122 0.94 -11.83 22.42
N ASP A 123 0.54 -10.56 22.39
CA ASP A 123 -0.50 -10.11 21.46
C ASP A 123 0.12 -9.90 20.06
N VAL A 124 0.00 -10.90 19.19
CA VAL A 124 0.50 -10.78 17.81
C VAL A 124 -0.59 -9.98 17.10
N ARG A 125 -0.21 -8.90 16.39
CA ARG A 125 -1.21 -8.08 15.64
C ARG A 125 -0.96 -8.25 14.14
N LEU A 126 -2.02 -8.24 13.35
CA LEU A 126 -1.93 -8.45 11.91
C LEU A 126 -2.70 -7.33 11.19
N ASP A 127 -2.23 -7.00 10.00
CA ASP A 127 -2.95 -6.06 9.15
C ASP A 127 -2.58 -6.42 7.73
N ASN A 128 -3.28 -5.86 6.73
CA ASN A 128 -2.90 -6.16 5.37
C ASN A 128 -1.70 -5.31 4.92
N ASP A 129 -1.09 -5.72 3.81
CA ASP A 129 0.16 -5.06 3.37
CA ASP A 129 0.14 -5.08 3.26
C ASP A 129 -0.02 -3.61 2.92
N ALA A 130 -1.16 -3.29 2.34
CA ALA A 130 -1.43 -1.90 1.94
C ALA A 130 -1.56 -1.01 3.19
N ASN A 131 -2.24 -1.49 4.24
CA ASN A 131 -2.31 -0.72 5.49
C ASN A 131 -0.93 -0.57 6.13
N CYS A 132 -0.12 -1.62 6.10
CA CYS A 132 1.26 -1.52 6.63
C CYS A 132 2.08 -0.47 5.85
N PHE A 133 1.90 -0.43 4.53
CA PHE A 133 2.59 0.58 3.70
C PHE A 133 2.23 1.99 4.19
N ALA A 134 0.92 2.25 4.36
CA ALA A 134 0.46 3.57 4.79
C ALA A 134 0.97 3.88 6.19
N LEU A 135 0.94 2.89 7.08
CA LEU A 135 1.37 3.10 8.47
C LEU A 135 2.86 3.42 8.55
N SER A 136 3.67 2.72 7.74
CA SER A 136 5.10 2.97 7.64
C SER A 136 5.37 4.44 7.28
N GLU A 137 4.68 4.93 6.25
CA GLU A 137 4.83 6.34 5.82
C GLU A 137 4.32 7.31 6.87
N ALA A 138 3.17 7.04 7.49
CA ALA A 138 2.59 7.93 8.50
C ALA A 138 3.52 8.09 9.69
N TRP A 139 4.39 7.09 9.91
CA TRP A 139 5.35 7.15 11.02
C TRP A 139 6.74 7.67 10.63
N ASP A 140 6.91 8.13 9.40
CA ASP A 140 8.14 8.87 9.00
C ASP A 140 8.26 10.06 9.95
N ASP A 141 9.48 10.36 10.43
CA ASP A 141 9.70 11.46 11.39
C ASP A 141 8.93 12.75 11.06
N GLU A 142 9.02 13.18 9.82
CA GLU A 142 8.34 14.40 9.38
C GLU A 142 6.82 14.27 9.29
N PHE A 143 6.35 13.07 8.97
CA PHE A 143 4.90 12.89 8.75
C PHE A 143 4.07 12.64 10.00
N THR A 144 4.72 12.36 11.13
CA THR A 144 3.94 12.13 12.38
C THR A 144 3.17 13.39 12.76
N GLN A 145 3.60 14.55 12.29
CA GLN A 145 2.85 15.79 12.59
C GLN A 145 1.43 15.83 11.96
N TYR A 146 1.17 14.97 10.98
CA TYR A 146 -0.15 14.93 10.27
C TYR A 146 -1.11 13.90 10.86
N PRO A 147 -2.25 14.35 11.41
CA PRO A 147 -3.19 13.39 11.95
C PRO A 147 -3.72 12.36 10.93
N LEU A 148 -4.17 12.81 9.76
CA LEU A 148 -4.84 11.88 8.82
C LEU A 148 -3.99 11.70 7.59
N VAL A 149 -3.49 10.49 7.39
CA VAL A 149 -2.56 10.25 6.32
C VAL A 149 -3.20 9.23 5.40
N MET A 150 -3.21 9.55 4.09
CA MET A 150 -3.71 8.63 3.09
C MET A 150 -2.50 8.10 2.34
N GLY A 151 -2.33 6.76 2.32
CA GLY A 151 -1.26 6.12 1.57
C GLY A 151 -1.89 5.60 0.29
N LEU A 152 -1.32 5.95 -0.86
CA LEU A 152 -1.82 5.50 -2.17
C LEU A 152 -0.71 4.75 -2.89
N ILE A 153 -0.97 3.53 -3.31
CA ILE A 153 0.06 2.73 -3.98
C ILE A 153 -0.30 2.65 -5.45
N LEU A 154 0.60 3.13 -6.33
CA LEU A 154 0.36 3.07 -7.77
C LEU A 154 1.46 2.16 -8.30
N GLY A 155 1.14 0.89 -8.51
CA GLY A 155 2.20 -0.04 -8.91
C GLY A 155 1.59 -1.17 -9.68
N THR A 156 1.81 -2.39 -9.22
CA THR A 156 1.26 -3.57 -9.89
C THR A 156 -0.26 -3.41 -9.91
N GLY A 157 -0.82 -2.95 -8.80
CA GLY A 157 -2.24 -2.63 -8.73
C GLY A 157 -2.34 -1.24 -8.13
N VAL A 158 -3.52 -0.90 -7.64
CA VAL A 158 -3.75 0.39 -6.98
C VAL A 158 -4.42 0.02 -5.66
N GLY A 159 -3.96 0.63 -4.58
CA GLY A 159 -4.53 0.30 -3.26
C GLY A 159 -4.00 1.28 -2.27
N GLY A 160 -4.17 0.98 -1.00
CA GLY A 160 -3.65 1.96 -0.05
C GLY A 160 -4.33 1.79 1.30
N GLY A 161 -4.22 2.83 2.11
CA GLY A 161 -4.80 2.75 3.43
C GLY A 161 -4.92 4.14 4.01
N LEU A 162 -5.66 4.20 5.12
CA LEU A 162 -5.83 5.45 5.84
C LEU A 162 -5.32 5.24 7.25
N VAL A 163 -4.57 6.24 7.75
CA VAL A 163 -3.99 6.19 9.09
C VAL A 163 -4.43 7.44 9.86
N LEU A 164 -4.91 7.24 11.10
CA LEU A 164 -5.34 8.39 11.89
C LEU A 164 -4.59 8.35 13.18
N ASN A 165 -3.86 9.44 13.45
CA ASN A 165 -3.05 9.54 14.67
C ASN A 165 -2.17 8.32 14.87
N GLY A 166 -1.52 7.85 13.82
CA GLY A 166 -0.59 6.75 13.90
C GLY A 166 -1.14 5.33 14.01
N LYS A 167 -2.44 5.15 13.82
CA LYS A 167 -3.08 3.82 13.86
C LYS A 167 -3.89 3.63 12.56
N PRO A 168 -3.77 2.46 11.90
CA PRO A 168 -4.50 2.31 10.65
C PRO A 168 -6.02 2.21 10.88
N ILE A 169 -6.79 2.72 9.93
CA ILE A 169 -8.23 2.54 9.97
C ILE A 169 -8.47 1.27 9.13
N THR A 170 -8.84 0.16 9.78
CA THR A 170 -8.98 -1.09 9.02
C THR A 170 -10.33 -1.25 8.34
N GLY A 171 -11.37 -0.66 8.92
CA GLY A 171 -12.73 -0.83 8.38
C GLY A 171 -13.28 -2.19 8.85
N GLN A 172 -14.53 -2.44 8.56
CA GLN A 172 -15.18 -3.68 8.96
C GLN A 172 -14.48 -4.96 8.49
N SER A 173 -13.97 -4.95 7.26
CA SER A 173 -13.40 -6.15 6.66
C SER A 173 -12.04 -5.89 6.02
N TYR A 174 -11.25 -4.93 6.53
CA TYR A 174 -9.93 -4.61 5.97
C TYR A 174 -10.03 -4.12 4.53
N ILE A 175 -11.13 -3.45 4.21
CA ILE A 175 -11.36 -2.89 2.88
C ILE A 175 -11.05 -1.39 2.85
N THR A 176 -10.96 -0.75 4.02
CA THR A 176 -10.65 0.70 4.01
C THR A 176 -9.43 0.96 3.18
N GLY A 177 -9.50 1.96 2.30
CA GLY A 177 -8.35 2.27 1.45
C GLY A 177 -8.22 1.50 0.16
N GLU A 178 -9.23 0.70 -0.21
CA GLU A 178 -9.23 0.01 -1.53
C GLU A 178 -9.58 0.97 -2.66
N PHE A 179 -8.77 2.02 -2.82
CA PHE A 179 -9.06 3.06 -3.80
C PHE A 179 -9.13 2.55 -5.24
N GLY A 180 -8.37 1.50 -5.53
CA GLY A 180 -8.36 0.97 -6.88
C GLY A 180 -9.70 0.41 -7.33
N HIS A 181 -10.60 0.11 -6.40
CA HIS A 181 -11.91 -0.46 -6.69
C HIS A 181 -13.09 0.45 -6.57
N MET A 182 -12.82 1.75 -6.67
CA MET A 182 -13.89 2.73 -6.88
C MET A 182 -13.98 3.16 -8.34
N ARG A 183 -15.17 3.03 -8.93
CA ARG A 183 -15.32 3.29 -10.36
C ARG A 183 -14.85 4.67 -10.72
N LEU A 184 -14.47 4.83 -11.98
CA LEU A 184 -14.16 6.16 -12.50
C LEU A 184 -15.36 7.07 -12.19
N PRO A 185 -15.10 8.32 -11.83
CA PRO A 185 -16.20 9.28 -11.65
C PRO A 185 -16.63 9.81 -13.04
N VAL A 186 -17.86 10.31 -13.15
CA VAL A 186 -18.33 10.84 -14.46
C VAL A 186 -17.45 11.99 -15.02
N ASP A 187 -16.81 12.77 -14.14
CA ASP A 187 -15.90 13.82 -14.63
C ASP A 187 -14.67 13.25 -15.38
N ALA A 188 -14.37 11.95 -15.20
CA ALA A 188 -13.35 11.29 -16.02
C ALA A 188 -13.81 11.14 -17.49
N LEU A 189 -15.12 11.04 -17.70
CA LEU A 189 -15.67 10.93 -19.06
C LEU A 189 -15.71 12.30 -19.69
N THR A 190 -15.98 13.31 -18.88
CA THR A 190 -15.92 14.68 -19.37
C THR A 190 -14.50 14.93 -19.87
N LEU A 191 -13.49 14.48 -19.11
CA LEU A 191 -12.08 14.64 -19.52
C LEU A 191 -11.68 13.78 -20.73
N MET A 192 -12.03 12.50 -20.67
CA MET A 192 -11.55 11.55 -21.67
C MET A 192 -12.50 11.33 -22.85
N GLY A 193 -13.76 11.73 -22.71
CA GLY A 193 -14.77 11.45 -23.73
C GLY A 193 -15.71 10.37 -23.21
N PHE A 194 -16.97 10.43 -23.57
CA PHE A 194 -17.96 9.46 -23.07
C PHE A 194 -17.83 8.03 -23.62
N ASP A 195 -17.02 7.88 -24.67
CA ASP A 195 -16.73 6.56 -25.25
C ASP A 195 -15.41 5.96 -24.70
N PHE A 196 -14.80 6.64 -23.73
CA PHE A 196 -13.60 6.10 -23.09
C PHE A 196 -13.99 4.71 -22.57
N PRO A 197 -13.22 3.69 -22.91
CA PRO A 197 -13.51 2.33 -22.47
C PRO A 197 -13.59 2.15 -20.95
N LEU A 198 -14.63 1.47 -20.50
CA LEU A 198 -14.78 1.07 -19.10
C LEU A 198 -14.23 -0.34 -19.03
N ARG A 199 -12.99 -0.46 -18.55
CA ARG A 199 -12.29 -1.73 -18.53
C ARG A 199 -12.81 -2.66 -17.43
N ARG A 200 -12.95 -3.96 -17.74
CA ARG A 200 -13.37 -4.95 -16.72
CA ARG A 200 -13.40 -4.91 -16.72
C ARG A 200 -12.26 -5.16 -15.72
N CYS A 201 -12.62 -5.09 -14.45
CA CYS A 201 -11.65 -5.26 -13.41
C CYS A 201 -11.70 -6.73 -12.97
N GLY A 202 -10.63 -7.17 -12.35
CA GLY A 202 -10.57 -8.52 -11.76
C GLY A 202 -11.64 -8.75 -10.70
N CYS A 203 -12.06 -7.68 -10.02
CA CYS A 203 -13.07 -7.81 -8.99
C CYS A 203 -14.42 -8.06 -9.62
N GLY A 204 -14.55 -7.84 -10.93
CA GLY A 204 -15.81 -8.07 -11.62
C GLY A 204 -16.58 -6.85 -12.06
N GLN A 205 -16.19 -5.68 -11.54
CA GLN A 205 -16.86 -4.46 -11.90
C GLN A 205 -16.26 -3.90 -13.18
N MET A 206 -16.99 -2.99 -13.80
CA MET A 206 -16.56 -2.34 -15.00
C MET A 206 -16.10 -0.92 -14.65
N GLY A 207 -14.87 -0.56 -14.95
CA GLY A 207 -14.43 0.83 -14.78
C GLY A 207 -13.71 1.20 -13.50
N CYS A 208 -13.27 0.20 -12.71
CA CYS A 208 -12.48 0.46 -11.50
C CYS A 208 -11.26 1.22 -11.91
N ILE A 209 -10.89 2.20 -11.09
CA ILE A 209 -9.74 3.03 -11.43
C ILE A 209 -8.39 2.29 -11.43
N GLU A 210 -8.32 1.15 -10.75
CA GLU A 210 -7.08 0.41 -10.73
C GLU A 210 -6.55 0.14 -12.16
N ASN A 211 -7.44 -0.10 -13.11
CA ASN A 211 -7.02 -0.46 -14.46
C ASN A 211 -6.65 0.68 -15.37
N TYR A 212 -6.60 1.88 -14.78
CA TYR A 212 -6.12 3.05 -15.52
C TYR A 212 -4.92 3.67 -14.81
N LEU A 213 -4.86 3.52 -13.50
CA LEU A 213 -3.86 4.21 -12.73
C LEU A 213 -2.68 3.37 -12.27
N SER A 214 -2.83 2.04 -12.33
CA SER A 214 -1.71 1.15 -12.01
C SER A 214 -0.63 1.27 -13.13
N GLY A 215 0.51 0.60 -12.92
CA GLY A 215 1.60 0.58 -13.91
C GLY A 215 1.07 -0.01 -15.21
N ARG A 216 0.27 -1.05 -15.12
CA ARG A 216 -0.33 -1.62 -16.32
C ARG A 216 -1.36 -0.68 -16.95
N GLY A 217 -2.12 0.01 -16.10
CA GLY A 217 -3.12 1.00 -16.60
C GLY A 217 -2.43 2.14 -17.34
N PHE A 218 -1.30 2.60 -16.79
CA PHE A 218 -0.46 3.68 -17.38
C PHE A 218 -0.08 3.20 -18.80
N ALA A 219 0.43 1.98 -18.91
CA ALA A 219 0.79 1.39 -20.24
C ALA A 219 -0.41 1.22 -21.17
N TRP A 220 -1.54 0.78 -20.63
CA TRP A 220 -2.75 0.63 -21.43
C TRP A 220 -3.18 1.95 -22.04
N LEU A 221 -3.16 3.02 -21.23
CA LEU A 221 -3.59 4.32 -21.70
C LEU A 221 -2.71 4.82 -22.86
N TYR A 222 -1.42 4.49 -22.81
CA TYR A 222 -0.51 4.86 -23.89
C TYR A 222 -0.95 4.12 -25.16
N GLN A 223 -1.09 2.81 -25.04
CA GLN A 223 -1.49 2.01 -26.18
C GLN A 223 -2.83 2.46 -26.76
N HIS A 224 -3.77 2.81 -25.89
CA HIS A 224 -5.10 3.26 -26.30
C HIS A 224 -5.03 4.44 -27.26
N TYR A 225 -4.09 5.36 -27.02
CA TYR A 225 -3.94 6.55 -27.85
C TYR A 225 -2.96 6.39 -28.99
N TYR A 226 -1.91 5.62 -28.77
CA TYR A 226 -0.85 5.55 -29.78
C TYR A 226 -0.62 4.26 -30.50
N ASP A 227 -1.42 3.25 -30.18
CA ASP A 227 -1.33 1.95 -30.83
C ASP A 227 0.10 1.33 -30.86
N GLN A 228 0.85 1.47 -29.76
CA GLN A 228 2.18 0.85 -29.58
C GLN A 228 2.14 0.23 -28.19
N SER A 229 2.63 -1.00 -28.07
CA SER A 229 2.57 -1.77 -26.82
C SER A 229 3.69 -1.58 -25.78
N LEU A 230 4.13 -0.34 -25.56
CA LEU A 230 5.19 -0.07 -24.60
C LEU A 230 4.77 -0.20 -23.14
N GLN A 231 5.68 -0.70 -22.31
CA GLN A 231 5.45 -0.78 -20.86
C GLN A 231 5.87 0.54 -20.18
N ALA A 232 5.46 0.74 -18.92
CA ALA A 232 5.78 2.00 -18.20
C ALA A 232 7.23 2.50 -18.28
N PRO A 233 8.24 1.62 -17.97
CA PRO A 233 9.64 2.07 -18.04
C PRO A 233 10.03 2.70 -19.39
N GLU A 234 9.55 2.07 -20.45
CA GLU A 234 9.81 2.52 -21.80
C GLU A 234 9.20 3.89 -22.12
N ILE A 235 7.97 4.09 -21.65
CA ILE A 235 7.29 5.35 -21.87
C ILE A 235 7.99 6.42 -21.06
N ILE A 236 8.37 6.06 -19.84
CA ILE A 236 9.06 7.02 -18.97
C ILE A 236 10.40 7.43 -19.59
N ALA A 237 11.12 6.45 -20.12
CA ALA A 237 12.40 6.69 -20.82
C ALA A 237 12.21 7.73 -21.94
N LEU A 238 11.16 7.56 -22.74
CA LEU A 238 10.84 8.47 -23.83
C LEU A 238 10.48 9.86 -23.32
N TRP A 239 9.77 9.91 -22.20
CA TRP A 239 9.37 11.17 -21.59
C TRP A 239 10.63 11.98 -21.22
N GLU A 240 11.57 11.30 -20.55
CA GLU A 240 12.85 11.90 -20.14
C GLU A 240 13.66 12.42 -21.33
N GLN A 241 13.55 11.73 -22.47
CA GLN A 241 14.25 12.13 -23.70
CA GLN A 241 14.27 12.17 -23.67
C GLN A 241 13.45 13.22 -24.42
N GLY A 242 12.32 13.62 -23.85
CA GLY A 242 11.48 14.66 -24.43
C GLY A 242 10.52 14.28 -25.54
N ASP A 243 10.20 12.99 -25.69
CA ASP A 243 9.25 12.57 -26.73
C ASP A 243 7.86 13.22 -26.59
N GLU A 244 7.36 13.79 -27.68
CA GLU A 244 6.08 14.49 -27.70
C GLU A 244 4.83 13.62 -27.31
N GLN A 245 4.81 12.37 -27.75
CA GLN A 245 3.71 11.45 -27.43
C GLN A 245 3.74 11.07 -25.94
N ALA A 246 4.94 10.80 -25.45
CA ALA A 246 5.16 10.42 -24.07
C ALA A 246 4.70 11.58 -23.20
N HIS A 247 5.02 12.80 -23.61
CA HIS A 247 4.59 13.98 -22.90
C HIS A 247 3.09 14.18 -22.90
N ALA A 248 2.47 13.94 -24.04
CA ALA A 248 1.02 14.04 -24.16
C ALA A 248 0.36 12.93 -23.32
N HIS A 249 0.98 11.76 -23.29
CA HIS A 249 0.48 10.62 -22.51
C HIS A 249 0.51 10.96 -21.00
N VAL A 250 1.64 11.46 -20.55
CA VAL A 250 1.82 11.78 -19.13
C VAL A 250 0.85 12.89 -18.66
N GLU A 251 0.60 13.86 -19.54
CA GLU A 251 -0.36 14.91 -19.21
C GLU A 251 -1.76 14.32 -19.02
N ARG A 252 -2.17 13.40 -19.88
CA ARG A 252 -3.48 12.75 -19.74
C ARG A 252 -3.55 11.90 -18.47
N TYR A 253 -2.48 11.15 -18.22
CA TYR A 253 -2.41 10.27 -17.02
C TYR A 253 -2.56 11.11 -15.77
N LEU A 254 -1.78 12.20 -15.69
CA LEU A 254 -1.83 13.07 -14.53
C LEU A 254 -3.21 13.71 -14.39
N ASP A 255 -3.82 14.09 -15.51
CA ASP A 255 -5.15 14.67 -15.45
C ASP A 255 -6.18 13.66 -14.94
N LEU A 256 -6.05 12.42 -15.40
CA LEU A 256 -6.98 11.37 -14.96
C LEU A 256 -6.77 11.04 -13.48
N LEU A 257 -5.51 10.98 -13.06
CA LEU A 257 -5.19 10.74 -11.64
C LEU A 257 -5.82 11.83 -10.75
N ALA A 258 -5.70 13.08 -11.20
CA ALA A 258 -6.23 14.23 -10.46
C ALA A 258 -7.73 14.15 -10.34
N VAL A 259 -8.42 13.83 -11.43
CA VAL A 259 -9.90 13.75 -11.41
CA VAL A 259 -9.88 13.80 -11.37
C VAL A 259 -10.38 12.68 -10.43
N CYS A 260 -9.73 11.52 -10.50
CA CYS A 260 -10.09 10.41 -9.59
C CYS A 260 -9.83 10.81 -8.14
N LEU A 261 -8.67 11.43 -7.89
CA LEU A 261 -8.28 11.85 -6.52
C LEU A 261 -9.23 12.93 -6.01
N GLY A 262 -9.68 13.81 -6.90
CA GLY A 262 -10.64 14.85 -6.45
C GLY A 262 -11.82 14.25 -5.71
N ASN A 263 -12.35 13.17 -6.26
CA ASN A 263 -13.48 12.49 -5.61
C ASN A 263 -13.11 11.84 -4.30
N ILE A 264 -11.97 11.14 -4.29
CA ILE A 264 -11.52 10.52 -3.04
C ILE A 264 -11.25 11.55 -1.95
N LEU A 265 -10.48 12.59 -2.31
CA LEU A 265 -10.10 13.61 -1.32
C LEU A 265 -11.30 14.39 -0.76
N THR A 266 -12.35 14.55 -1.56
CA THR A 266 -13.56 15.24 -1.08
C THR A 266 -14.25 14.44 0.02
N ILE A 267 -14.12 13.11 0.00
CA ILE A 267 -14.71 12.40 1.09
C ILE A 267 -13.77 12.07 2.25
N VAL A 268 -12.49 11.93 1.95
CA VAL A 268 -11.49 11.60 2.99
C VAL A 268 -10.84 12.86 3.65
N ASP A 269 -10.49 13.85 2.83
CA ASP A 269 -9.84 15.12 3.29
C ASP A 269 -8.56 14.89 4.14
N PRO A 270 -7.59 14.11 3.62
CA PRO A 270 -6.43 13.81 4.46
C PRO A 270 -5.49 15.02 4.54
N ASP A 271 -4.73 15.08 5.61
CA ASP A 271 -3.72 16.14 5.75
C ASP A 271 -2.57 15.88 4.81
N LEU A 272 -2.27 14.60 4.60
CA LEU A 272 -1.15 14.20 3.76
C LEU A 272 -1.52 13.05 2.85
N LEU A 273 -1.11 13.16 1.58
CA LEU A 273 -1.27 12.06 0.62
C LEU A 273 0.14 11.61 0.28
N VAL A 274 0.49 10.37 0.62
CA VAL A 274 1.80 9.80 0.31
CA VAL A 274 1.80 9.83 0.29
C VAL A 274 1.60 8.76 -0.79
N ILE A 275 2.30 8.93 -1.89
CA ILE A 275 2.16 8.02 -3.00
C ILE A 275 3.36 7.07 -3.16
N GLY A 276 3.08 5.76 -3.10
CA GLY A 276 4.12 4.72 -3.19
C GLY A 276 3.89 3.83 -4.40
N GLY A 277 4.58 2.69 -4.43
CA GLY A 277 4.46 1.76 -5.55
C GLY A 277 5.43 2.15 -6.67
N GLY A 278 5.63 1.21 -7.59
CA GLY A 278 6.56 1.43 -8.72
C GLY A 278 6.45 2.76 -9.43
N LEU A 279 5.22 3.21 -9.75
CA LEU A 279 5.08 4.48 -10.49
C LEU A 279 5.49 5.69 -9.72
N SER A 280 5.47 5.58 -8.39
CA SER A 280 5.86 6.70 -7.56
C SER A 280 7.34 7.05 -7.75
N ASN A 281 8.09 6.13 -8.35
CA ASN A 281 9.50 6.41 -8.69
C ASN A 281 9.61 7.40 -9.85
N PHE A 282 8.53 7.61 -10.58
CA PHE A 282 8.46 8.61 -11.65
C PHE A 282 8.09 9.94 -10.96
N THR A 283 9.07 10.83 -10.81
CA THR A 283 8.83 12.04 -9.99
C THR A 283 7.69 12.96 -10.44
N ALA A 284 7.43 13.01 -11.74
CA ALA A 284 6.32 13.82 -12.29
C ALA A 284 4.98 13.54 -11.58
N ILE A 285 4.75 12.27 -11.23
CA ILE A 285 3.53 11.89 -10.51
C ILE A 285 3.32 12.62 -9.16
N THR A 286 4.39 12.88 -8.40
CA THR A 286 4.21 13.59 -7.14
C THR A 286 4.56 15.06 -7.20
N THR A 287 5.21 15.51 -8.27
CA THR A 287 5.59 16.92 -8.36
C THR A 287 4.65 17.73 -9.23
N GLN A 288 3.94 17.09 -10.15
CA GLN A 288 3.06 17.84 -11.04
C GLN A 288 1.57 17.60 -10.78
N LEU A 289 1.29 16.96 -9.66
CA LEU A 289 -0.10 16.61 -9.32
C LEU A 289 -0.81 17.69 -8.51
N ALA A 290 -0.13 18.29 -7.55
CA ALA A 290 -0.78 19.28 -6.67
C ALA A 290 -1.50 20.39 -7.42
N GLU A 291 -0.90 20.91 -8.47
CA GLU A 291 -1.50 22.03 -9.20
C GLU A 291 -2.80 21.65 -9.93
N ARG A 292 -3.00 20.35 -10.15
CA ARG A 292 -4.20 19.87 -10.86
C ARG A 292 -5.36 19.56 -9.94
N LEU A 293 -5.13 19.58 -8.64
CA LEU A 293 -6.23 19.21 -7.71
C LEU A 293 -7.30 20.23 -7.41
N PRO A 294 -6.94 21.52 -7.18
CA PRO A 294 -7.97 22.47 -6.82
C PRO A 294 -9.19 22.51 -7.73
N ARG A 295 -9.01 22.30 -9.03
CA ARG A 295 -10.14 22.36 -9.94
C ARG A 295 -11.15 21.23 -9.72
N HIS A 296 -10.75 20.22 -8.92
CA HIS A 296 -11.64 19.08 -8.62
C HIS A 296 -12.02 19.00 -7.15
N LEU A 297 -11.58 19.97 -6.35
CA LEU A 297 -11.88 20.02 -4.92
C LEU A 297 -12.91 21.11 -4.63
N LEU A 298 -13.57 21.02 -3.49
CA LEU A 298 -14.56 22.04 -3.08
C LEU A 298 -13.83 23.40 -3.04
N PRO A 299 -14.54 24.50 -3.38
CA PRO A 299 -13.88 25.79 -3.37
C PRO A 299 -13.14 26.10 -2.06
N VAL A 300 -13.70 25.73 -0.92
CA VAL A 300 -13.06 26.01 0.38
C VAL A 300 -12.02 24.95 0.81
N ALA A 301 -11.85 23.88 0.03
CA ALA A 301 -10.88 22.83 0.36
C ALA A 301 -9.45 23.24 0.07
N ARG A 302 -8.51 22.66 0.81
CA ARG A 302 -7.09 22.85 0.55
C ARG A 302 -6.60 21.48 0.07
N ALA A 303 -5.68 21.45 -0.91
CA ALA A 303 -5.14 20.18 -1.34
C ALA A 303 -4.36 19.58 -0.17
N PRO A 304 -4.24 18.24 -0.11
CA PRO A 304 -3.38 17.71 0.94
C PRO A 304 -1.93 18.01 0.56
N ARG A 305 -1.01 17.94 1.53
CA ARG A 305 0.41 17.91 1.14
C ARG A 305 0.59 16.60 0.34
N ILE A 306 1.37 16.62 -0.73
CA ILE A 306 1.57 15.41 -1.55
C ILE A 306 3.03 15.06 -1.48
N GLU A 307 3.32 13.80 -1.16
CA GLU A 307 4.72 13.37 -1.06
C GLU A 307 4.93 11.98 -1.62
N ARG A 308 6.12 11.79 -2.19
CA ARG A 308 6.53 10.45 -2.61
C ARG A 308 6.85 9.64 -1.36
N ALA A 309 6.56 8.34 -1.40
CA ALA A 309 6.83 7.48 -0.29
C ALA A 309 8.35 7.50 0.01
N ARG A 310 8.66 7.44 1.29
CA ARG A 310 10.06 7.54 1.73
C ARG A 310 10.67 6.23 2.18
N HIS A 311 9.84 5.20 2.36
CA HIS A 311 10.32 3.92 2.89
C HIS A 311 9.89 2.75 2.07
N GLY A 312 10.11 2.86 0.76
CA GLY A 312 9.76 1.84 -0.19
C GLY A 312 10.09 0.42 0.24
N ASP A 313 11.37 0.10 0.25
CA ASP A 313 11.85 -1.26 0.53
C ASP A 313 11.47 -1.81 1.91
N ALA A 314 11.66 -1.00 2.95
CA ALA A 314 11.47 -1.43 4.30
C ALA A 314 10.06 -1.22 4.84
N GLY A 315 9.17 -0.62 4.05
CA GLY A 315 7.81 -0.30 4.52
C GLY A 315 6.95 -1.43 5.03
N GLY A 316 7.04 -2.58 4.39
CA GLY A 316 6.24 -3.74 4.86
C GLY A 316 6.62 -4.10 6.29
N MET A 317 7.92 -4.11 6.59
CA MET A 317 8.38 -4.48 7.93
C MET A 317 8.06 -3.35 8.92
N ARG A 318 8.30 -2.10 8.49
CA ARG A 318 8.02 -0.95 9.36
C ARG A 318 6.57 -0.93 9.76
N GLY A 319 5.66 -0.98 8.79
CA GLY A 319 4.22 -0.85 9.11
C GLY A 319 3.76 -1.97 10.02
N ALA A 320 4.18 -3.19 9.70
CA ALA A 320 3.82 -4.32 10.55
C ALA A 320 4.30 -4.06 11.99
N ALA A 321 5.55 -3.62 12.14
CA ALA A 321 6.12 -3.39 13.50
C ALA A 321 5.33 -2.32 14.24
N PHE A 322 4.93 -1.30 13.47
CA PHE A 322 4.25 -0.13 14.00
C PHE A 322 2.82 -0.36 14.43
N LEU A 323 2.27 -1.54 14.13
CA LEU A 323 0.97 -1.89 14.65
C LEU A 323 0.95 -1.81 16.17
N HIS A 324 2.12 -1.89 16.80
CA HIS A 324 2.21 -1.85 18.28
C HIS A 324 2.55 -0.49 18.86
N LEU A 325 2.62 0.54 18.01
CA LEU A 325 2.91 1.90 18.50
C LEU A 325 1.67 2.62 19.07
N THR A 326 0.50 2.02 18.88
CA THR A 326 -0.72 2.56 19.42
C THR A 326 -1.39 1.47 20.22
N ASP A 327 -2.19 1.90 21.19
CA ASP A 327 -2.91 1.01 22.08
C ASP A 327 -3.84 0.14 21.26
#